data_4OQS
#
_entry.id   4OQS
#
_cell.length_a   133.880
_cell.length_b   133.880
_cell.length_c   73.020
_cell.angle_alpha   90.00
_cell.angle_beta   90.00
_cell.angle_gamma   120.00
#
_symmetry.space_group_name_H-M   'H 3'
#
loop_
_entity.id
_entity.type
_entity.pdbx_description
1 polymer CYP105AS1
2 non-polymer 'PROTOPORPHYRIN IX CONTAINING FE'
3 water water
#
_entity_poly.entity_id   1
_entity_poly.type   'polypeptide(L)'
_entity_poly.pdbx_seq_one_letter_code
;MRVDSENMNEPVTLPTGRAVGYPFDPPPDLVKLPPVSPMRFPDGHIGWLVTSHAAARTVMIDPRFSNRPEHKHPVFSVIP
RPGGATKAPAPGWFINMDAPEHTRYRRMLISQFTVRRIKELEPRIVQITEDHLDAMAKAGPPVDLVQAFALPVPSLVICE
LLGVSYADHAFFQEQTTIMASVDKTQDEVTTALGKLTRYIAELVATKRLSPKDDLLGSLITDTDLTDEELTNIALLLLVA
GHETTANMLGLGTFALLQHPEQIAALDSPDAVEELLRYLSIVHLGTPNRAALEDVELEGQMIRKGDTVAIGLPAVNRDPK
VFDEPDILQLDRVDARKHAAFGGGIHQCLGQQLARVEMRIGFTRLFARFPSLRLAVPAEEIKLREKSAAYGVWALPVAWD
ARPSFLVQSGYVEQKLISEEDLNSAVDHHHHHH
;
_entity_poly.pdbx_strand_id   A
#
loop_
_chem_comp.id
_chem_comp.type
_chem_comp.name
_chem_comp.formula
HEM non-polymer 'PROTOPORPHYRIN IX CONTAINING FE' 'C34 H32 Fe N4 O4'
#
# COMPACT_ATOMS: atom_id res chain seq x y z
N GLU A 10 13.93 20.51 19.13
CA GLU A 10 14.67 20.79 17.82
C GLU A 10 14.08 19.93 16.68
N PRO A 11 13.95 20.51 15.46
CA PRO A 11 13.34 19.69 14.38
C PRO A 11 14.15 18.47 13.94
N VAL A 12 13.51 17.31 13.91
CA VAL A 12 14.19 16.13 13.41
C VAL A 12 13.94 16.03 11.89
N THR A 13 14.84 15.36 11.21
CA THR A 13 14.64 14.88 9.86
C THR A 13 13.76 13.60 9.91
N LEU A 14 13.03 13.28 8.82
CA LEU A 14 12.15 12.05 8.80
C LEU A 14 13.07 10.85 8.96
N PRO A 15 12.96 10.09 10.07
CA PRO A 15 13.80 8.90 10.30
C PRO A 15 13.67 7.86 9.18
N THR A 16 14.79 7.41 8.67
CA THR A 16 14.83 6.44 7.58
C THR A 16 15.65 5.17 7.93
N GLY A 17 16.47 5.22 8.96
CA GLY A 17 17.44 4.15 9.19
C GLY A 17 16.86 3.03 10.04
N ARG A 18 16.73 1.83 9.47
CA ARG A 18 16.34 0.59 10.17
C ARG A 18 17.55 0.01 10.85
N ALA A 19 17.38 -0.60 12.01
CA ALA A 19 18.48 -1.28 12.73
C ALA A 19 18.87 -2.55 12.00
N VAL A 20 20.16 -2.68 11.72
CA VAL A 20 20.70 -3.90 11.09
C VAL A 20 20.26 -5.16 11.84
N GLY A 21 19.82 -6.19 11.12
CA GLY A 21 19.19 -7.34 11.78
C GLY A 21 17.75 -7.21 12.32
N TYR A 22 17.14 -6.05 12.15
CA TYR A 22 15.79 -5.80 12.58
C TYR A 22 15.00 -5.18 11.40
N PRO A 23 14.87 -5.94 10.30
CA PRO A 23 14.29 -5.40 9.08
C PRO A 23 12.83 -5.02 9.23
N PHE A 24 12.10 -5.66 10.13
CA PHE A 24 10.59 -5.46 10.20
C PHE A 24 10.14 -4.38 11.17
N ASP A 25 11.07 -3.94 12.01
CA ASP A 25 10.78 -2.96 13.04
C ASP A 25 11.08 -1.55 12.57
N PRO A 26 10.31 -0.58 13.08
CA PRO A 26 10.50 0.78 12.70
C PRO A 26 11.93 1.31 12.97
N PRO A 27 12.36 2.37 12.26
CA PRO A 27 13.63 3.05 12.67
C PRO A 27 13.61 3.42 14.17
N PRO A 28 14.67 3.07 14.91
CA PRO A 28 14.70 3.46 16.33
C PRO A 28 14.52 4.98 16.55
N ASP A 29 15.00 5.80 15.62
CA ASP A 29 14.78 7.27 15.66
C ASP A 29 13.32 7.71 15.47
N LEU A 30 12.42 6.81 15.06
CA LEU A 30 11.01 7.12 15.03
C LEU A 30 10.32 6.75 16.33
N VAL A 31 10.61 5.55 16.79
CA VAL A 31 10.00 4.98 18.00
C VAL A 31 10.40 5.75 19.28
N LYS A 32 11.56 6.37 19.22
CA LYS A 32 12.13 7.18 20.29
C LYS A 32 11.40 8.52 20.54
N LEU A 33 10.69 9.03 19.53
CA LEU A 33 10.17 10.40 19.55
C LEU A 33 8.96 10.51 20.47
N PRO A 34 8.69 11.73 20.96
CA PRO A 34 7.45 12.03 21.62
C PRO A 34 6.30 12.05 20.61
N PRO A 35 5.03 12.06 21.08
CA PRO A 35 3.90 11.86 20.18
C PRO A 35 3.83 12.82 19.03
N VAL A 36 4.20 14.08 19.24
CA VAL A 36 4.09 15.11 18.20
C VAL A 36 5.39 15.92 18.19
N SER A 37 6.13 15.89 17.08
CA SER A 37 7.51 16.41 17.03
C SER A 37 7.63 17.39 15.89
N PRO A 38 8.36 18.50 16.08
CA PRO A 38 8.62 19.30 14.90
C PRO A 38 9.54 18.54 13.92
N MET A 39 9.36 18.77 12.62
CA MET A 39 10.08 18.03 11.62
C MET A 39 10.51 18.97 10.56
N ARG A 40 11.76 18.84 10.14
CA ARG A 40 12.33 19.61 9.07
C ARG A 40 12.11 18.79 7.83
N PHE A 41 11.38 19.36 6.90
CA PHE A 41 11.12 18.74 5.63
C PHE A 41 12.34 19.02 4.67
N PRO A 42 12.43 18.27 3.56
CA PRO A 42 13.41 18.51 2.48
C PRO A 42 13.45 19.92 1.87
N ASP A 43 12.33 20.63 1.83
CA ASP A 43 12.37 21.98 1.25
C ASP A 43 12.65 23.03 2.28
N GLY A 44 12.76 22.62 3.53
CA GLY A 44 13.03 23.59 4.59
C GLY A 44 11.88 23.89 5.52
N HIS A 45 10.64 23.62 5.08
CA HIS A 45 9.45 23.77 5.92
C HIS A 45 9.65 23.05 7.25
N ILE A 46 9.25 23.71 8.33
CA ILE A 46 9.28 23.06 9.62
C ILE A 46 7.83 22.69 9.98
N GLY A 47 7.51 21.39 9.85
CA GLY A 47 6.13 20.88 10.03
C GLY A 47 6.20 19.98 11.25
N TRP A 48 5.48 18.86 11.20
CA TRP A 48 5.20 18.01 12.37
C TRP A 48 5.20 16.57 11.94
N LEU A 49 5.66 15.69 12.83
CA LEU A 49 5.64 14.25 12.62
C LEU A 49 4.88 13.65 13.82
N VAL A 50 3.84 12.84 13.55
CA VAL A 50 2.96 12.29 14.60
C VAL A 50 3.10 10.77 14.73
N THR A 51 3.26 10.32 15.95
CA THR A 51 3.74 9.02 16.21
C THR A 51 2.79 8.25 17.17
N SER A 52 1.91 8.94 17.87
CA SER A 52 0.96 8.23 18.74
C SER A 52 -0.30 7.85 17.98
N HIS A 53 -0.93 6.75 18.34
CA HIS A 53 -2.10 6.28 17.62
C HIS A 53 -3.24 7.29 17.77
N ALA A 54 -3.40 7.82 19.01
CA ALA A 54 -4.45 8.79 19.31
C ALA A 54 -4.35 10.10 18.48
N ALA A 55 -3.19 10.71 18.51
CA ALA A 55 -2.97 11.93 17.77
C ALA A 55 -3.06 11.67 16.29
N ALA A 56 -2.59 10.52 15.81
CA ALA A 56 -2.72 10.17 14.36
C ALA A 56 -4.18 10.05 13.92
N ARG A 57 -4.96 9.40 14.75
CA ARG A 57 -6.37 9.24 14.47
C ARG A 57 -6.98 10.66 14.31
N THR A 58 -6.63 11.59 15.21
CA THR A 58 -7.15 12.98 15.18
C THR A 58 -6.86 13.68 13.89
N VAL A 59 -5.66 13.47 13.34
CA VAL A 59 -5.24 14.11 12.12
C VAL A 59 -5.98 13.52 10.88
N MET A 60 -6.23 12.24 10.94
CA MET A 60 -6.84 11.57 9.86
C MET A 60 -8.32 11.86 9.72
N ILE A 61 -8.99 12.11 10.85
CA ILE A 61 -10.46 12.30 10.83
C ILE A 61 -10.87 13.77 10.80
N ASP A 62 -9.96 14.67 11.19
CA ASP A 62 -10.30 16.07 11.34
C ASP A 62 -10.32 16.83 10.02
N PRO A 63 -11.41 17.52 9.73
CA PRO A 63 -11.55 18.25 8.48
C PRO A 63 -10.67 19.49 8.31
N ARG A 64 -10.00 19.91 9.35
CA ARG A 64 -9.09 21.03 9.19
C ARG A 64 -7.73 20.65 8.60
N PHE A 65 -7.57 19.36 8.28
CA PHE A 65 -6.40 18.82 7.56
C PHE A 65 -6.76 18.41 6.15
N SER A 66 -6.09 19.04 5.18
CA SER A 66 -6.40 18.90 3.79
C SER A 66 -5.37 18.00 3.10
N ASN A 67 -5.85 17.20 2.17
CA ASN A 67 -4.99 16.43 1.33
C ASN A 67 -4.76 17.01 -0.08
N ARG A 68 -5.12 18.28 -0.30
CA ARG A 68 -4.84 18.92 -1.59
C ARG A 68 -3.36 19.11 -1.69
N PRO A 69 -2.76 18.84 -2.84
CA PRO A 69 -1.26 18.93 -2.91
C PRO A 69 -0.64 20.35 -2.95
N GLU A 70 -1.43 21.35 -3.28
CA GLU A 70 -0.95 22.75 -3.25
C GLU A 70 -0.59 23.18 -1.84
N HIS A 71 -1.45 22.86 -0.87
CA HIS A 71 -1.20 23.20 0.53
C HIS A 71 0.02 22.45 1.16
N LYS A 72 0.63 21.48 0.47
CA LYS A 72 1.52 20.54 1.16
C LYS A 72 2.99 20.70 0.82
N HIS A 73 3.85 20.40 1.79
CA HIS A 73 5.28 20.30 1.58
C HIS A 73 5.63 18.79 1.47
N PRO A 74 6.27 18.39 0.36
CA PRO A 74 6.63 17.01 0.07
C PRO A 74 7.41 16.35 1.20
N VAL A 75 7.13 15.09 1.47
CA VAL A 75 7.76 14.43 2.60
C VAL A 75 9.21 13.98 2.34
N PHE A 76 9.52 13.49 1.14
CA PHE A 76 10.94 13.23 0.77
C PHE A 76 11.05 13.44 -0.75
N SER A 77 12.26 13.70 -1.25
CA SER A 77 12.51 14.28 -2.61
C SER A 77 11.90 15.68 -2.75
N ALA A 85 2.24 20.26 -5.39
CA ALA A 85 3.43 21.14 -5.26
C ALA A 85 3.40 22.29 -6.30
N THR A 86 2.21 22.91 -6.46
CA THR A 86 1.67 23.48 -7.75
C THR A 86 0.58 22.45 -8.19
N LYS A 87 -0.23 22.78 -9.19
CA LYS A 87 -1.13 21.81 -9.87
C LYS A 87 -2.32 21.29 -9.04
N ALA A 88 -3.55 21.69 -9.41
CA ALA A 88 -4.79 21.03 -8.94
C ALA A 88 -4.81 19.54 -9.33
N PRO A 89 -5.29 18.66 -8.42
CA PRO A 89 -5.39 17.21 -8.74
C PRO A 89 -6.23 17.05 -9.97
N ALA A 90 -5.77 16.20 -10.89
CA ALA A 90 -6.51 15.85 -12.08
C ALA A 90 -7.89 15.33 -11.70
N PRO A 91 -8.90 15.60 -12.55
CA PRO A 91 -10.26 15.08 -12.32
C PRO A 91 -10.24 13.56 -12.07
N GLY A 92 -10.89 13.13 -10.99
CA GLY A 92 -10.92 11.74 -10.62
C GLY A 92 -9.79 11.26 -9.75
N TRP A 93 -8.78 12.11 -9.51
CA TRP A 93 -7.61 11.67 -8.71
C TRP A 93 -7.94 12.03 -7.28
N PHE A 94 -8.88 11.31 -6.72
CA PHE A 94 -9.64 11.75 -5.53
C PHE A 94 -8.92 11.57 -4.21
N ILE A 95 -7.82 10.81 -4.19
CA ILE A 95 -6.94 10.84 -3.00
C ILE A 95 -6.52 12.25 -2.63
N ASN A 96 -6.30 13.11 -3.61
CA ASN A 96 -5.75 14.42 -3.30
C ASN A 96 -6.86 15.50 -3.28
N MET A 97 -8.07 15.10 -2.88
CA MET A 97 -9.21 16.01 -2.82
C MET A 97 -9.74 16.01 -1.41
N ASP A 98 -10.43 17.09 -1.10
CA ASP A 98 -11.20 17.22 0.15
C ASP A 98 -12.69 17.06 -0.15
N ALA A 99 -13.50 16.75 0.85
CA ALA A 99 -14.94 16.89 0.78
C ALA A 99 -15.27 18.34 0.41
N PRO A 100 -16.22 18.59 -0.49
CA PRO A 100 -17.22 17.73 -1.09
C PRO A 100 -16.74 17.02 -2.35
N GLU A 101 -15.67 17.53 -2.97
CA GLU A 101 -15.16 16.96 -4.19
C GLU A 101 -14.84 15.46 -4.02
N HIS A 102 -14.02 15.16 -3.03
CA HIS A 102 -13.73 13.74 -2.66
C HIS A 102 -14.97 12.87 -2.61
N THR A 103 -15.95 13.38 -1.90
CA THR A 103 -17.17 12.65 -1.60
C THR A 103 -17.89 12.20 -2.82
N ARG A 104 -18.00 13.05 -3.82
CA ARG A 104 -18.61 12.62 -5.08
C ARG A 104 -18.02 11.39 -5.66
N TYR A 105 -16.68 11.32 -5.76
CA TYR A 105 -16.08 10.09 -6.29
C TYR A 105 -16.18 8.92 -5.37
N ARG A 106 -15.94 9.15 -4.09
CA ARG A 106 -15.93 8.06 -3.14
C ARG A 106 -17.29 7.35 -3.08
N ARG A 107 -18.35 8.13 -3.17
CA ARG A 107 -19.72 7.59 -3.14
C ARG A 107 -19.98 6.67 -4.33
N MET A 108 -19.45 6.96 -5.49
CA MET A 108 -19.66 6.08 -6.65
C MET A 108 -18.82 4.78 -6.59
N LEU A 109 -17.69 4.80 -5.89
CA LEU A 109 -16.79 3.61 -5.87
C LEU A 109 -17.03 2.59 -4.73
N ILE A 110 -17.64 3.06 -3.64
CA ILE A 110 -18.03 2.25 -2.49
C ILE A 110 -18.51 0.85 -2.87
N SER A 111 -19.52 0.87 -3.73
CA SER A 111 -20.24 -0.31 -4.24
C SER A 111 -19.29 -1.41 -4.82
N GLN A 112 -18.20 -0.94 -5.44
CA GLN A 112 -17.27 -1.81 -6.12
C GLN A 112 -16.26 -2.49 -5.20
N PHE A 113 -16.23 -2.10 -3.92
CA PHE A 113 -15.18 -2.62 -3.06
C PHE A 113 -15.66 -3.32 -1.74
N THR A 114 -16.95 -3.57 -1.65
CA THR A 114 -17.49 -4.41 -0.54
C THR A 114 -16.96 -5.86 -0.55
N VAL A 115 -17.00 -6.52 0.64
CA VAL A 115 -16.80 -8.00 0.75
C VAL A 115 -17.49 -8.73 -0.42
N ARG A 116 -18.74 -8.33 -0.66
CA ARG A 116 -19.59 -8.97 -1.68
C ARG A 116 -19.09 -8.80 -3.13
N ARG A 117 -18.78 -7.58 -3.55
CA ARG A 117 -18.36 -7.42 -4.94
C ARG A 117 -16.96 -8.05 -5.21
N ILE A 118 -16.07 -7.95 -4.21
CA ILE A 118 -14.73 -8.53 -4.25
C ILE A 118 -14.74 -10.06 -4.26
N LYS A 119 -15.66 -10.64 -3.50
CA LYS A 119 -15.95 -12.08 -3.56
C LYS A 119 -16.04 -12.59 -5.00
N GLU A 120 -16.68 -11.84 -5.90
CA GLU A 120 -16.76 -12.25 -7.29
C GLU A 120 -15.40 -12.44 -7.94
N LEU A 121 -14.37 -11.75 -7.41
CA LEU A 121 -13.01 -11.85 -7.96
C LEU A 121 -12.22 -13.00 -7.36
N GLU A 122 -12.60 -13.42 -6.19
CA GLU A 122 -11.82 -14.48 -5.51
C GLU A 122 -11.40 -15.68 -6.39
N PRO A 123 -12.33 -16.27 -7.17
CA PRO A 123 -11.88 -17.45 -7.90
C PRO A 123 -10.75 -17.12 -8.83
N ARG A 124 -10.76 -15.94 -9.46
CA ARG A 124 -9.63 -15.55 -10.34
C ARG A 124 -8.33 -15.22 -9.53
N ILE A 125 -8.49 -14.57 -8.40
CA ILE A 125 -7.31 -14.37 -7.48
C ILE A 125 -6.67 -15.71 -7.14
N VAL A 126 -7.52 -16.69 -6.77
CA VAL A 126 -7.05 -18.07 -6.51
C VAL A 126 -6.23 -18.59 -7.74
N GLN A 127 -6.75 -18.46 -8.96
CA GLN A 127 -6.19 -19.14 -10.12
C GLN A 127 -4.89 -18.46 -10.47
N ILE A 128 -4.90 -17.11 -10.41
CA ILE A 128 -3.67 -16.31 -10.61
C ILE A 128 -2.58 -16.72 -9.68
N THR A 129 -2.91 -16.78 -8.40
CA THR A 129 -1.95 -17.24 -7.36
C THR A 129 -1.42 -18.67 -7.65
N GLU A 130 -2.31 -19.63 -7.85
CA GLU A 130 -1.91 -21.03 -8.15
C GLU A 130 -1.11 -21.15 -9.40
N ASP A 131 -1.50 -20.38 -10.43
CA ASP A 131 -0.69 -20.33 -11.67
C ASP A 131 0.72 -19.98 -11.40
N HIS A 132 0.93 -18.94 -10.62
CA HIS A 132 2.27 -18.53 -10.28
C HIS A 132 3.03 -19.48 -9.40
N LEU A 133 2.32 -20.13 -8.50
CA LEU A 133 2.96 -21.16 -7.69
C LEU A 133 3.34 -22.39 -8.58
N ASP A 134 2.46 -22.73 -9.54
CA ASP A 134 2.79 -23.75 -10.57
C ASP A 134 4.09 -23.42 -11.30
N ALA A 135 4.22 -22.15 -11.75
CA ALA A 135 5.46 -21.72 -12.47
C ALA A 135 6.73 -21.82 -11.61
N MET A 136 6.61 -21.48 -10.32
CA MET A 136 7.74 -21.69 -9.42
C MET A 136 8.03 -23.19 -9.32
N ALA A 137 7.02 -24.04 -9.21
CA ALA A 137 7.26 -25.49 -8.99
C ALA A 137 7.98 -26.04 -10.25
N LYS A 138 7.44 -25.66 -11.40
CA LYS A 138 8.03 -26.00 -12.70
C LYS A 138 9.45 -25.52 -12.85
N ALA A 139 9.77 -24.27 -12.51
CA ALA A 139 11.20 -23.84 -12.68
C ALA A 139 12.12 -24.57 -11.70
N GLY A 140 11.56 -24.99 -10.57
CA GLY A 140 12.39 -25.51 -9.48
C GLY A 140 13.19 -24.41 -8.82
N PRO A 141 13.81 -24.69 -7.65
CA PRO A 141 14.40 -23.65 -6.83
C PRO A 141 15.79 -23.41 -7.24
N PRO A 142 16.41 -22.32 -6.83
CA PRO A 142 15.92 -21.13 -6.19
C PRO A 142 15.32 -20.13 -7.14
N VAL A 143 14.45 -19.29 -6.58
CA VAL A 143 13.63 -18.36 -7.38
C VAL A 143 13.58 -17.08 -6.57
N ASP A 144 13.49 -15.93 -7.26
CA ASP A 144 13.31 -14.64 -6.58
C ASP A 144 11.83 -14.43 -6.42
N LEU A 145 11.32 -14.55 -5.19
CA LEU A 145 9.86 -14.49 -4.97
C LEU A 145 9.28 -13.18 -5.42
N VAL A 146 10.05 -12.13 -5.38
CA VAL A 146 9.55 -10.80 -5.83
C VAL A 146 9.09 -10.82 -7.29
N GLN A 147 9.94 -11.31 -8.18
CA GLN A 147 9.61 -11.33 -9.61
C GLN A 147 8.77 -12.52 -9.93
N ALA A 148 8.92 -13.65 -9.21
CA ALA A 148 8.13 -14.79 -9.56
C ALA A 148 6.72 -14.71 -9.05
N PHE A 149 6.43 -13.98 -7.99
CA PHE A 149 5.08 -14.12 -7.33
C PHE A 149 4.60 -12.78 -6.73
N ALA A 150 5.40 -12.10 -5.89
CA ALA A 150 4.87 -10.96 -5.12
C ALA A 150 4.49 -9.78 -6.03
N LEU A 151 5.38 -9.44 -6.97
CA LEU A 151 5.00 -8.42 -8.01
C LEU A 151 3.92 -8.81 -8.95
N PRO A 152 4.06 -9.94 -9.69
CA PRO A 152 3.05 -10.24 -10.72
C PRO A 152 1.64 -10.49 -10.28
N VAL A 153 1.46 -11.16 -9.15
CA VAL A 153 0.13 -11.58 -8.80
C VAL A 153 -0.82 -10.39 -8.55
N PRO A 154 -0.46 -9.43 -7.69
CA PRO A 154 -1.34 -8.31 -7.47
C PRO A 154 -1.53 -7.41 -8.75
N SER A 155 -0.60 -7.47 -9.69
CA SER A 155 -0.73 -6.68 -10.96
C SER A 155 -1.82 -7.32 -11.82
N LEU A 156 -1.81 -8.65 -11.89
CA LEU A 156 -2.82 -9.40 -12.63
C LEU A 156 -4.16 -9.31 -11.92
N VAL A 157 -4.18 -9.23 -10.58
CA VAL A 157 -5.47 -8.94 -9.90
C VAL A 157 -6.11 -7.58 -10.32
N ILE A 158 -5.29 -6.56 -10.42
CA ILE A 158 -5.74 -5.25 -10.89
C ILE A 158 -6.22 -5.34 -12.39
N CYS A 159 -5.48 -6.08 -13.21
CA CYS A 159 -5.92 -6.36 -14.61
C CYS A 159 -7.37 -6.85 -14.60
N GLU A 160 -7.72 -7.76 -13.68
CA GLU A 160 -9.11 -8.24 -13.57
C GLU A 160 -10.05 -7.20 -13.09
N LEU A 161 -9.68 -6.53 -12.03
CA LEU A 161 -10.47 -5.40 -11.56
C LEU A 161 -10.79 -4.43 -12.66
N LEU A 162 -9.77 -4.03 -13.40
CA LEU A 162 -9.94 -3.02 -14.46
C LEU A 162 -10.49 -3.59 -15.78
N GLY A 163 -10.56 -4.92 -15.89
CA GLY A 163 -10.99 -5.63 -17.12
C GLY A 163 -10.06 -5.47 -18.30
N VAL A 164 -8.76 -5.52 -18.07
CA VAL A 164 -7.75 -5.54 -19.10
C VAL A 164 -7.96 -6.85 -19.88
N SER A 165 -7.90 -6.78 -21.21
CA SER A 165 -8.00 -8.02 -22.00
C SER A 165 -6.81 -8.95 -21.80
N TYR A 166 -6.99 -10.22 -22.10
CA TYR A 166 -5.93 -11.23 -21.86
C TYR A 166 -4.76 -10.99 -22.76
N ALA A 167 -5.03 -10.66 -24.02
CA ALA A 167 -3.97 -10.30 -24.99
C ALA A 167 -3.10 -9.14 -24.47
N ASP A 168 -3.66 -8.25 -23.64
CA ASP A 168 -2.86 -7.13 -23.10
C ASP A 168 -2.23 -7.36 -21.71
N HIS A 169 -2.34 -8.58 -21.14
CA HIS A 169 -1.72 -8.89 -19.82
C HIS A 169 -0.24 -8.69 -19.85
N ALA A 170 0.45 -9.25 -20.84
CA ALA A 170 1.91 -9.18 -20.93
C ALA A 170 2.40 -7.71 -20.89
N PHE A 171 1.78 -6.85 -21.73
CA PHE A 171 2.14 -5.44 -21.75
C PHE A 171 1.90 -4.77 -20.36
N PHE A 172 0.72 -4.95 -19.77
CA PHE A 172 0.36 -4.31 -18.50
C PHE A 172 1.42 -4.73 -17.44
N GLN A 173 1.63 -6.04 -17.34
CA GLN A 173 2.60 -6.56 -16.40
C GLN A 173 4.00 -6.03 -16.59
N GLU A 174 4.45 -5.98 -17.84
CA GLU A 174 5.77 -5.39 -18.14
C GLU A 174 5.93 -3.96 -17.59
N GLN A 175 5.00 -3.09 -17.89
CA GLN A 175 5.13 -1.70 -17.45
C GLN A 175 5.01 -1.59 -15.92
N THR A 176 4.14 -2.40 -15.36
CA THR A 176 3.80 -2.38 -13.89
C THR A 176 5.02 -2.94 -13.16
N THR A 177 5.61 -4.02 -13.71
CA THR A 177 6.90 -4.52 -13.16
C THR A 177 8.01 -3.51 -13.25
N ILE A 178 8.13 -2.81 -14.37
CA ILE A 178 9.18 -1.80 -14.45
C ILE A 178 9.02 -0.76 -13.34
N MET A 179 7.82 -0.19 -13.25
CA MET A 179 7.54 0.81 -12.22
C MET A 179 7.93 0.35 -10.82
N ALA A 180 7.81 -0.96 -10.50
CA ALA A 180 7.92 -1.45 -9.10
C ALA A 180 9.25 -2.15 -8.80
N SER A 181 10.14 -2.29 -9.79
CA SER A 181 11.37 -3.11 -9.61
C SER A 181 12.65 -2.34 -9.29
N VAL A 182 13.59 -3.05 -8.65
CA VAL A 182 14.94 -2.60 -8.39
C VAL A 182 15.72 -2.37 -9.73
N ASP A 183 16.72 -1.53 -9.65
CA ASP A 183 17.64 -1.29 -10.75
C ASP A 183 16.90 -0.65 -11.95
N LYS A 184 15.89 0.19 -11.68
CA LYS A 184 15.20 0.90 -12.75
C LYS A 184 15.41 2.36 -12.53
N THR A 185 15.76 3.10 -13.60
CA THR A 185 15.99 4.51 -13.45
C THR A 185 14.67 5.23 -13.29
N GLN A 186 14.74 6.46 -12.78
CA GLN A 186 13.54 7.32 -12.71
C GLN A 186 12.92 7.56 -14.10
N ASP A 187 13.76 7.80 -15.10
CA ASP A 187 13.27 7.92 -16.48
C ASP A 187 12.58 6.63 -16.96
N GLU A 188 13.17 5.47 -16.71
CA GLU A 188 12.47 4.25 -17.04
C GLU A 188 11.07 4.20 -16.37
N VAL A 189 10.99 4.56 -15.11
CA VAL A 189 9.69 4.53 -14.37
C VAL A 189 8.67 5.44 -15.02
N THR A 190 9.06 6.66 -15.25
CA THR A 190 8.23 7.68 -15.87
C THR A 190 7.71 7.27 -17.23
N THR A 191 8.61 6.72 -18.05
CA THR A 191 8.26 6.12 -19.34
C THR A 191 7.21 5.04 -19.23
N ALA A 192 7.39 4.12 -18.27
CA ALA A 192 6.41 3.04 -18.08
C ALA A 192 5.06 3.60 -17.64
N LEU A 193 5.11 4.53 -16.71
CA LEU A 193 3.86 5.20 -16.24
C LEU A 193 3.11 5.88 -17.41
N GLY A 194 3.83 6.53 -18.33
CA GLY A 194 3.16 7.16 -19.49
C GLY A 194 2.57 6.14 -20.43
N LYS A 195 3.28 5.03 -20.66
CA LYS A 195 2.68 3.94 -21.47
C LYS A 195 1.42 3.42 -20.86
N LEU A 196 1.50 3.12 -19.59
CA LEU A 196 0.35 2.61 -18.85
C LEU A 196 -0.84 3.59 -18.86
N THR A 197 -0.55 4.87 -18.64
CA THR A 197 -1.57 5.89 -18.62
C THR A 197 -2.23 6.03 -19.97
N ARG A 198 -1.46 6.00 -21.04
CA ARG A 198 -2.09 6.08 -22.38
C ARG A 198 -2.95 4.86 -22.64
N TYR A 199 -2.48 3.70 -22.14
CA TYR A 199 -3.21 2.46 -22.42
C TYR A 199 -4.56 2.49 -21.71
N ILE A 200 -4.56 3.00 -20.47
CA ILE A 200 -5.78 3.06 -19.68
C ILE A 200 -6.80 4.01 -20.39
N ALA A 201 -6.36 5.15 -20.91
CA ALA A 201 -7.27 6.09 -21.62
C ALA A 201 -7.96 5.41 -22.79
N GLU A 202 -7.16 4.68 -23.59
CA GLU A 202 -7.68 3.83 -24.68
C GLU A 202 -8.63 2.73 -24.17
N LEU A 203 -8.30 2.10 -23.03
CA LEU A 203 -9.15 1.07 -22.47
C LEU A 203 -10.47 1.69 -22.05
N VAL A 204 -10.41 2.87 -21.45
CA VAL A 204 -11.62 3.53 -21.06
C VAL A 204 -12.41 3.87 -22.34
N ALA A 205 -11.75 4.35 -23.40
CA ALA A 205 -12.47 4.67 -24.68
C ALA A 205 -13.15 3.48 -25.31
N THR A 206 -12.53 2.31 -25.26
CA THR A 206 -13.12 1.06 -25.79
C THR A 206 -14.37 0.65 -25.03
N LYS A 207 -14.27 0.69 -23.70
CA LYS A 207 -15.39 0.35 -22.85
C LYS A 207 -16.56 1.35 -22.94
N ARG A 208 -16.26 2.63 -23.08
CA ARG A 208 -17.32 3.63 -23.43
C ARG A 208 -18.16 3.09 -24.63
N LEU A 209 -17.53 2.57 -25.69
CA LEU A 209 -18.22 2.09 -26.87
C LEU A 209 -19.11 0.90 -26.55
N SER A 210 -18.68 0.02 -25.63
CA SER A 210 -19.44 -1.20 -25.31
C SER A 210 -19.28 -1.65 -23.86
N PRO A 211 -19.93 -0.95 -22.91
CA PRO A 211 -19.64 -1.22 -21.51
C PRO A 211 -20.18 -2.54 -21.01
N LYS A 212 -19.40 -3.23 -20.17
CA LYS A 212 -19.77 -4.53 -19.57
C LYS A 212 -20.10 -4.41 -18.06
N ASP A 213 -19.93 -5.49 -17.28
CA ASP A 213 -20.23 -5.44 -15.85
C ASP A 213 -18.99 -5.40 -14.98
N ASP A 214 -17.79 -5.17 -15.56
CA ASP A 214 -16.56 -4.92 -14.76
C ASP A 214 -16.65 -3.53 -14.04
N LEU A 215 -15.66 -3.22 -13.23
CA LEU A 215 -15.68 -1.95 -12.50
C LEU A 215 -15.88 -0.77 -13.49
N LEU A 216 -15.08 -0.71 -14.54
CA LEU A 216 -15.16 0.40 -15.48
C LEU A 216 -16.46 0.44 -16.27
N GLY A 217 -16.90 -0.72 -16.76
CA GLY A 217 -18.23 -0.83 -17.36
C GLY A 217 -19.37 -0.37 -16.48
N SER A 218 -19.37 -0.76 -15.22
CA SER A 218 -20.44 -0.37 -14.32
C SER A 218 -20.49 1.12 -14.13
N LEU A 219 -19.31 1.70 -13.98
CA LEU A 219 -19.18 3.14 -13.80
C LEU A 219 -19.62 3.94 -15.05
N ILE A 220 -19.22 3.48 -16.22
CA ILE A 220 -19.66 4.10 -17.47
C ILE A 220 -21.19 4.08 -17.53
N THR A 221 -21.79 2.94 -17.15
CA THR A 221 -23.26 2.82 -17.15
C THR A 221 -24.03 3.59 -16.06
N ASP A 222 -23.53 3.58 -14.85
CA ASP A 222 -24.34 4.04 -13.71
C ASP A 222 -24.05 5.45 -13.34
N THR A 223 -23.03 6.06 -13.95
CA THR A 223 -22.52 7.41 -13.51
C THR A 223 -22.26 8.33 -14.66
N ASP A 224 -22.11 9.61 -14.35
CA ASP A 224 -21.74 10.64 -15.35
C ASP A 224 -20.20 10.93 -15.41
N LEU A 225 -19.38 10.03 -14.86
CA LEU A 225 -17.90 10.17 -14.92
C LEU A 225 -17.41 10.28 -16.34
N THR A 226 -16.52 11.23 -16.60
CA THR A 226 -15.95 11.44 -17.95
C THR A 226 -14.84 10.43 -18.17
N ASP A 227 -14.38 10.33 -19.42
CA ASP A 227 -13.23 9.49 -19.76
C ASP A 227 -12.00 9.82 -18.94
N GLU A 228 -11.73 11.10 -18.84
CA GLU A 228 -10.64 11.60 -18.08
C GLU A 228 -10.73 11.14 -16.59
N GLU A 229 -11.93 11.23 -15.99
CA GLU A 229 -12.07 10.90 -14.59
C GLU A 229 -11.89 9.36 -14.38
N LEU A 230 -12.47 8.57 -15.26
CA LEU A 230 -12.28 7.12 -15.28
C LEU A 230 -10.84 6.70 -15.48
N THR A 231 -10.16 7.35 -16.40
CA THR A 231 -8.73 7.13 -16.59
C THR A 231 -7.92 7.38 -15.31
N ASN A 232 -8.19 8.48 -14.64
CA ASN A 232 -7.47 8.79 -13.42
C ASN A 232 -7.86 7.82 -12.29
N ILE A 233 -9.12 7.41 -12.21
CA ILE A 233 -9.60 6.49 -11.17
C ILE A 233 -8.92 5.12 -11.33
N ALA A 234 -8.87 4.64 -12.57
CA ALA A 234 -8.21 3.34 -12.89
C ALA A 234 -6.76 3.41 -12.55
N LEU A 235 -6.14 4.51 -12.93
CA LEU A 235 -4.69 4.70 -12.61
C LEU A 235 -4.40 4.74 -11.12
N LEU A 236 -5.26 5.45 -10.39
CA LEU A 236 -5.14 5.56 -8.94
C LEU A 236 -5.28 4.19 -8.35
N LEU A 237 -6.22 3.38 -8.85
CA LEU A 237 -6.40 2.07 -8.25
C LEU A 237 -5.11 1.27 -8.48
N LEU A 238 -4.58 1.31 -9.69
CA LEU A 238 -3.30 0.64 -9.98
C LEU A 238 -2.18 1.08 -9.06
N VAL A 239 -1.95 2.38 -9.00
CA VAL A 239 -0.86 2.94 -8.24
C VAL A 239 -1.01 2.72 -6.75
N ALA A 240 -2.21 2.84 -6.20
CA ALA A 240 -2.40 2.64 -4.76
C ALA A 240 -2.41 1.09 -4.36
N GLY A 241 -2.80 0.26 -5.29
CA GLY A 241 -3.01 -1.13 -5.02
C GLY A 241 -1.95 -2.14 -5.46
N HIS A 242 -1.02 -1.74 -6.32
CA HIS A 242 -0.06 -2.72 -6.78
C HIS A 242 1.11 -2.88 -5.80
N GLU A 243 1.89 -1.84 -5.65
CA GLU A 243 3.12 -1.96 -4.84
C GLU A 243 2.86 -2.21 -3.36
N THR A 244 1.75 -1.67 -2.87
CA THR A 244 1.37 -1.92 -1.56
C THR A 244 1.17 -3.44 -1.30
N THR A 245 0.27 -4.04 -2.05
CA THR A 245 0.00 -5.43 -1.97
C THR A 245 1.23 -6.28 -2.23
N ALA A 246 1.98 -5.96 -3.28
CA ALA A 246 3.15 -6.76 -3.68
C ALA A 246 4.06 -6.82 -2.55
N ASN A 247 4.30 -5.66 -1.93
CA ASN A 247 5.24 -5.61 -0.82
C ASN A 247 4.77 -6.25 0.47
N MET A 248 3.46 -6.22 0.78
CA MET A 248 3.04 -6.99 1.91
C MET A 248 3.37 -8.47 1.63
N LEU A 249 3.17 -8.91 0.39
CA LEU A 249 3.36 -10.34 0.04
C LEU A 249 4.81 -10.70 0.17
N GLY A 250 5.70 -9.81 -0.28
CA GLY A 250 7.13 -10.12 -0.19
C GLY A 250 7.74 -9.97 1.21
N LEU A 251 7.40 -8.89 1.91
CA LEU A 251 7.98 -8.65 3.17
C LEU A 251 7.33 -9.57 4.19
N GLY A 252 6.05 -9.86 3.99
CA GLY A 252 5.30 -10.73 4.83
C GLY A 252 5.87 -12.15 4.77
N THR A 253 6.22 -12.62 3.59
CA THR A 253 6.89 -13.91 3.47
C THR A 253 8.22 -13.92 4.24
N PHE A 254 9.02 -12.88 4.03
CA PHE A 254 10.23 -12.70 4.78
C PHE A 254 9.96 -12.87 6.30
N ALA A 255 8.93 -12.19 6.80
CA ALA A 255 8.68 -12.16 8.25
C ALA A 255 8.32 -13.55 8.70
N LEU A 256 7.49 -14.25 7.96
CA LEU A 256 7.06 -15.58 8.28
C LEU A 256 8.19 -16.60 8.28
N LEU A 257 9.12 -16.46 7.37
CA LEU A 257 10.30 -17.31 7.32
C LEU A 257 11.19 -17.00 8.50
N GLN A 258 11.26 -15.74 8.95
CA GLN A 258 12.12 -15.44 10.08
C GLN A 258 11.42 -15.75 11.45
N HIS A 259 10.10 -15.94 11.43
CA HIS A 259 9.34 -16.29 12.65
C HIS A 259 8.42 -17.43 12.36
N PRO A 260 8.99 -18.60 12.03
CA PRO A 260 8.19 -19.65 11.47
C PRO A 260 7.20 -20.33 12.46
N GLU A 261 7.34 -20.12 13.75
CA GLU A 261 6.26 -20.56 14.67
C GLU A 261 4.92 -19.98 14.28
N GLN A 262 4.93 -18.83 13.62
CA GLN A 262 3.71 -18.17 13.19
C GLN A 262 2.95 -18.79 12.04
N ILE A 263 3.64 -19.58 11.24
CA ILE A 263 3.03 -20.21 10.04
C ILE A 263 1.84 -21.06 10.39
N ALA A 264 1.94 -21.84 11.48
CA ALA A 264 0.80 -22.66 11.96
C ALA A 264 -0.36 -21.79 12.37
N ALA A 265 -0.07 -20.55 12.69
CA ALA A 265 -1.12 -19.58 13.07
C ALA A 265 -1.75 -18.80 11.91
N LEU A 266 -1.30 -19.09 10.69
CA LEU A 266 -1.70 -18.29 9.52
C LEU A 266 -3.23 -18.31 9.25
N ASP A 267 -3.93 -19.36 9.62
CA ASP A 267 -5.37 -19.34 9.44
C ASP A 267 -6.11 -18.59 10.54
N SER A 268 -5.44 -18.07 11.55
CA SER A 268 -6.18 -17.30 12.55
C SER A 268 -6.95 -16.16 11.84
N PRO A 269 -8.12 -15.81 12.36
CA PRO A 269 -9.00 -14.84 11.69
C PRO A 269 -8.36 -13.46 11.49
N ASP A 270 -7.49 -13.03 12.38
CA ASP A 270 -6.89 -11.72 12.25
C ASP A 270 -5.41 -11.79 11.78
N ALA A 271 -4.97 -12.93 11.21
CA ALA A 271 -3.53 -13.11 10.90
C ALA A 271 -3.07 -12.04 9.89
N VAL A 272 -3.90 -11.75 8.90
CA VAL A 272 -3.51 -10.75 7.87
C VAL A 272 -3.52 -9.33 8.51
N GLU A 273 -4.45 -9.08 9.41
CA GLU A 273 -4.40 -7.82 10.13
C GLU A 273 -3.10 -7.64 10.96
N GLU A 274 -2.62 -8.72 11.58
CA GLU A 274 -1.42 -8.65 12.39
C GLU A 274 -0.20 -8.42 11.51
N LEU A 275 -0.23 -9.01 10.31
CA LEU A 275 0.87 -8.77 9.37
C LEU A 275 0.83 -7.30 8.90
N LEU A 276 -0.35 -6.76 8.63
CA LEU A 276 -0.54 -5.35 8.24
C LEU A 276 0.02 -4.43 9.34
N ARG A 277 -0.32 -4.71 10.62
CA ARG A 277 0.15 -3.90 11.77
C ARG A 277 1.69 -3.93 11.93
N TYR A 278 2.21 -5.14 12.04
CA TYR A 278 3.61 -5.42 12.32
C TYR A 278 4.54 -4.85 11.24
N LEU A 279 4.17 -4.98 9.97
CA LEU A 279 4.99 -4.56 8.86
C LEU A 279 4.80 -3.11 8.44
N SER A 280 3.56 -2.57 8.57
CA SER A 280 3.26 -1.14 8.35
C SER A 280 4.05 -0.59 7.17
N ILE A 281 3.81 -1.21 6.02
CA ILE A 281 4.64 -0.97 4.85
C ILE A 281 4.46 0.44 4.31
N VAL A 282 3.34 1.10 4.65
CA VAL A 282 3.18 2.52 4.26
C VAL A 282 3.88 3.34 5.34
N HIS A 283 5.19 3.43 5.14
CA HIS A 283 6.02 3.66 6.27
C HIS A 283 6.69 5.01 6.46
N LEU A 284 6.55 5.90 5.52
CA LEU A 284 7.34 7.13 5.54
C LEU A 284 6.49 8.40 5.47
N GLY A 285 6.13 8.91 6.62
CA GLY A 285 5.43 10.19 6.77
C GLY A 285 4.15 10.28 5.99
N THR A 286 3.50 9.11 5.82
CA THR A 286 2.22 8.98 5.09
C THR A 286 1.26 8.20 5.95
N PRO A 287 0.01 8.67 6.08
CA PRO A 287 -0.56 9.88 5.49
C PRO A 287 0.08 11.17 5.95
N ASN A 288 0.03 12.19 5.09
CA ASN A 288 0.41 13.54 5.47
C ASN A 288 -0.59 14.55 4.93
N ARG A 289 -0.71 15.65 5.67
CA ARG A 289 -1.81 16.59 5.45
C ARG A 289 -1.35 18.01 5.72
N ALA A 290 -2.01 18.95 5.05
CA ALA A 290 -1.83 20.39 5.31
C ALA A 290 -2.89 20.92 6.31
N ALA A 291 -2.45 21.59 7.36
CA ALA A 291 -3.40 22.30 8.26
C ALA A 291 -4.06 23.47 7.47
N LEU A 292 -5.39 23.51 7.50
CA LEU A 292 -6.17 24.58 6.92
C LEU A 292 -6.44 25.70 7.97
N GLU A 293 -6.26 25.36 9.24
CA GLU A 293 -6.45 26.30 10.35
C GLU A 293 -5.44 25.94 11.39
N ASP A 294 -5.26 26.82 12.37
CA ASP A 294 -4.58 26.43 13.62
C ASP A 294 -5.35 25.26 14.23
N VAL A 295 -4.62 24.23 14.66
CA VAL A 295 -5.21 23.06 15.34
C VAL A 295 -4.34 22.70 16.53
N GLU A 296 -4.94 22.55 17.70
CA GLU A 296 -4.19 22.06 18.86
C GLU A 296 -4.17 20.53 18.86
N LEU A 297 -2.99 19.92 19.01
CA LEU A 297 -2.81 18.48 18.89
C LEU A 297 -1.84 17.92 19.95
N GLU A 298 -2.33 17.05 20.85
CA GLU A 298 -1.61 16.58 22.05
C GLU A 298 -0.74 17.70 22.65
N GLY A 299 -1.38 18.84 22.91
CA GLY A 299 -0.70 19.96 23.56
C GLY A 299 0.21 20.80 22.68
N GLN A 300 0.51 20.36 21.44
CA GLN A 300 1.26 21.21 20.48
C GLN A 300 0.34 22.05 19.64
N MET A 301 0.84 23.15 19.12
CA MET A 301 0.00 24.05 18.32
C MET A 301 0.42 24.04 16.85
N ILE A 302 -0.37 23.33 16.02
CA ILE A 302 -0.10 23.25 14.60
C ILE A 302 -0.67 24.52 14.06
N ARG A 303 0.05 25.23 13.19
CA ARG A 303 -0.51 26.44 12.60
C ARG A 303 -0.99 26.20 11.20
N LYS A 304 -1.92 27.05 10.76
CA LYS A 304 -2.34 27.13 9.36
C LYS A 304 -1.09 27.03 8.49
N GLY A 305 -1.13 26.15 7.48
CA GLY A 305 -0.11 26.07 6.45
C GLY A 305 1.00 25.07 6.75
N ASP A 306 1.05 24.59 7.99
CA ASP A 306 1.88 23.48 8.38
C ASP A 306 1.47 22.11 7.79
N THR A 307 2.46 21.38 7.28
CA THR A 307 2.29 19.95 6.92
C THR A 307 2.52 19.06 8.13
N VAL A 308 1.63 18.09 8.34
CA VAL A 308 1.71 17.17 9.45
C VAL A 308 1.79 15.78 8.82
N ALA A 309 2.83 15.03 9.17
CA ALA A 309 3.08 13.73 8.62
C ALA A 309 2.90 12.69 9.73
N ILE A 310 2.33 11.56 9.39
CA ILE A 310 2.14 10.46 10.32
C ILE A 310 3.16 9.38 10.06
N GLY A 311 3.71 8.88 11.15
CA GLY A 311 4.66 7.77 11.16
C GLY A 311 3.92 6.48 11.52
N LEU A 312 3.25 5.91 10.52
CA LEU A 312 2.46 4.74 10.78
C LEU A 312 3.19 3.60 11.49
N PRO A 313 4.45 3.32 11.15
CA PRO A 313 5.01 2.15 11.79
C PRO A 313 5.02 2.24 13.31
N ALA A 314 5.18 3.47 13.81
CA ALA A 314 5.22 3.71 15.27
C ALA A 314 3.78 3.75 15.82
N VAL A 315 2.84 4.34 15.05
CA VAL A 315 1.41 4.32 15.45
C VAL A 315 0.96 2.89 15.74
N ASN A 316 1.45 1.97 14.91
CA ASN A 316 1.04 0.59 14.93
C ASN A 316 1.82 -0.23 15.96
N ARG A 317 2.75 0.43 16.65
CA ARG A 317 3.44 -0.16 17.80
C ARG A 317 3.17 0.63 19.10
N ASP A 318 2.19 1.52 19.12
CA ASP A 318 1.91 2.40 20.26
C ASP A 318 1.66 1.51 21.49
N PRO A 319 2.39 1.72 22.61
CA PRO A 319 2.24 0.83 23.79
C PRO A 319 0.94 1.10 24.60
N LYS A 320 0.23 2.19 24.30
CA LYS A 320 -1.08 2.48 24.94
C LYS A 320 -2.18 1.76 24.19
N VAL A 321 -1.88 1.30 22.96
CA VAL A 321 -2.86 0.60 22.16
C VAL A 321 -2.69 -0.92 22.08
N PHE A 322 -1.47 -1.43 21.97
CA PHE A 322 -1.22 -2.81 21.68
C PHE A 322 -0.38 -3.38 22.80
N ASP A 323 -0.70 -4.59 23.23
CA ASP A 323 0.18 -5.37 24.08
C ASP A 323 1.35 -6.00 23.29
N GLU A 324 2.54 -6.08 23.91
CA GLU A 324 3.72 -6.69 23.27
C GLU A 324 3.83 -6.24 21.79
N PRO A 325 3.89 -4.93 21.54
CA PRO A 325 3.71 -4.32 20.21
C PRO A 325 4.75 -4.79 19.22
N ASP A 326 5.93 -5.11 19.73
CA ASP A 326 7.07 -5.49 18.91
C ASP A 326 7.22 -6.96 18.65
N ILE A 327 6.24 -7.75 18.98
CA ILE A 327 6.22 -9.17 18.62
C ILE A 327 5.20 -9.44 17.51
N LEU A 328 5.56 -10.32 16.58
CA LEU A 328 4.63 -10.74 15.53
C LEU A 328 3.85 -11.86 16.10
N GLN A 329 2.56 -11.69 16.17
CA GLN A 329 1.70 -12.64 16.85
C GLN A 329 0.35 -12.74 16.12
N LEU A 330 0.30 -13.66 15.16
CA LEU A 330 -0.84 -13.79 14.30
C LEU A 330 -2.14 -14.04 15.02
N ASP A 331 -2.11 -14.66 16.18
CA ASP A 331 -3.33 -14.94 16.95
C ASP A 331 -3.57 -13.93 18.11
N ARG A 332 -2.83 -12.82 18.10
CA ARG A 332 -3.05 -11.66 18.99
C ARG A 332 -4.57 -11.30 19.03
N VAL A 333 -5.06 -10.74 20.16
CA VAL A 333 -6.49 -10.37 20.25
C VAL A 333 -6.71 -8.91 19.85
N ASP A 334 -5.65 -8.12 19.78
CA ASP A 334 -5.83 -6.68 19.57
C ASP A 334 -5.24 -6.14 18.24
N ALA A 335 -5.23 -6.94 17.18
CA ALA A 335 -4.62 -6.51 15.89
C ALA A 335 -5.43 -5.44 15.20
N ARG A 336 -6.76 -5.49 15.36
CA ARG A 336 -7.67 -4.59 14.60
C ARG A 336 -7.69 -3.10 14.97
N LYS A 337 -6.92 -2.68 15.94
CA LYS A 337 -6.76 -1.26 16.20
C LYS A 337 -5.70 -0.60 15.27
N HIS A 338 -5.03 -1.41 14.44
CA HIS A 338 -3.94 -0.91 13.58
C HIS A 338 -4.47 0.11 12.59
N ALA A 339 -3.62 1.02 12.15
CA ALA A 339 -3.94 2.00 11.12
C ALA A 339 -3.16 1.81 9.83
N ALA A 340 -2.80 0.55 9.51
CA ALA A 340 -2.02 0.21 8.32
C ALA A 340 -2.75 0.67 7.02
N PHE A 341 -4.05 0.89 7.13
CA PHE A 341 -4.88 1.30 6.01
C PHE A 341 -5.24 2.80 6.09
N GLY A 342 -4.59 3.57 6.96
CA GLY A 342 -4.93 4.97 7.08
C GLY A 342 -6.17 5.18 7.98
N GLY A 343 -7.02 6.11 7.62
CA GLY A 343 -8.03 6.58 8.56
C GLY A 343 -8.77 7.74 7.96
N GLY A 344 -10.00 7.94 8.41
CA GLY A 344 -10.72 9.07 7.91
C GLY A 344 -11.23 8.88 6.52
N ILE A 345 -11.51 10.01 5.84
CA ILE A 345 -12.15 9.89 4.57
C ILE A 345 -11.40 9.18 3.47
N HIS A 346 -10.06 9.22 3.55
CA HIS A 346 -9.15 8.64 2.56
C HIS A 346 -8.71 7.22 2.98
N GLN A 347 -9.30 6.68 4.06
CA GLN A 347 -9.01 5.31 4.50
C GLN A 347 -9.12 4.37 3.29
N CYS A 348 -8.16 3.46 3.16
CA CYS A 348 -7.99 2.69 1.91
C CYS A 348 -9.27 2.15 1.33
N LEU A 349 -9.57 2.56 0.09
CA LEU A 349 -10.75 2.05 -0.63
C LEU A 349 -10.61 0.59 -0.98
N GLY A 350 -9.37 0.15 -1.28
CA GLY A 350 -9.17 -1.22 -1.71
C GLY A 350 -8.91 -2.27 -0.62
N GLN A 351 -9.19 -1.90 0.60
CA GLN A 351 -8.87 -2.65 1.81
C GLN A 351 -9.36 -4.08 1.72
N GLN A 352 -10.58 -4.26 1.25
CA GLN A 352 -11.16 -5.60 1.21
C GLN A 352 -10.45 -6.46 0.15
N LEU A 353 -10.09 -5.83 -0.96
CA LEU A 353 -9.37 -6.58 -2.02
C LEU A 353 -7.98 -6.97 -1.61
N ALA A 354 -7.31 -6.04 -0.95
CA ALA A 354 -6.02 -6.33 -0.42
C ALA A 354 -6.06 -7.51 0.53
N ARG A 355 -7.00 -7.49 1.47
CA ARG A 355 -7.09 -8.53 2.50
C ARG A 355 -7.21 -9.89 1.86
N VAL A 356 -8.05 -10.00 0.82
CA VAL A 356 -8.33 -11.28 0.16
C VAL A 356 -7.09 -11.70 -0.59
N GLU A 357 -6.47 -10.74 -1.30
CA GLU A 357 -5.23 -11.05 -2.03
C GLU A 357 -4.20 -11.58 -1.05
N MET A 358 -4.09 -10.97 0.14
CA MET A 358 -3.03 -11.37 1.06
C MET A 358 -3.35 -12.73 1.68
N ARG A 359 -4.57 -12.89 2.13
CA ARG A 359 -5.00 -14.15 2.69
C ARG A 359 -4.69 -15.29 1.69
N ILE A 360 -5.20 -15.12 0.47
CA ILE A 360 -5.05 -16.16 -0.57
C ILE A 360 -3.60 -16.37 -0.93
N GLY A 361 -2.86 -15.29 -1.04
CA GLY A 361 -1.48 -15.35 -1.39
C GLY A 361 -0.57 -16.05 -0.34
N PHE A 362 -0.64 -15.62 0.92
CA PHE A 362 0.19 -16.23 1.99
C PHE A 362 -0.20 -17.71 2.20
N THR A 363 -1.48 -17.99 2.27
CA THR A 363 -1.97 -19.34 2.55
C THR A 363 -1.51 -20.33 1.45
N ARG A 364 -1.74 -19.98 0.18
CA ARG A 364 -1.38 -20.88 -0.90
C ARG A 364 0.10 -20.99 -1.01
N LEU A 365 0.84 -19.90 -0.86
CA LEU A 365 2.28 -20.05 -0.96
C LEU A 365 2.77 -21.13 0.06
N PHE A 366 2.39 -21.01 1.34
CA PHE A 366 2.89 -21.94 2.39
C PHE A 366 2.30 -23.34 2.31
N ALA A 367 1.13 -23.53 1.69
CA ALA A 367 0.52 -24.85 1.48
C ALA A 367 1.26 -25.59 0.40
N ARG A 368 1.70 -24.83 -0.60
CA ARG A 368 2.37 -25.45 -1.74
C ARG A 368 3.80 -25.79 -1.42
N PHE A 369 4.44 -24.91 -0.65
CA PHE A 369 5.84 -25.09 -0.33
C PHE A 369 6.07 -25.12 1.16
N PRO A 370 5.54 -26.15 1.87
CA PRO A 370 5.72 -26.19 3.34
C PRO A 370 7.17 -26.06 3.74
N SER A 371 8.08 -26.43 2.87
CA SER A 371 9.52 -26.35 3.12
C SER A 371 10.19 -25.00 2.75
N LEU A 372 9.43 -23.98 2.36
CA LEU A 372 10.04 -22.74 1.85
C LEU A 372 10.98 -22.19 2.84
N ARG A 373 12.09 -21.63 2.35
CA ARG A 373 13.15 -21.03 3.13
C ARG A 373 13.81 -19.97 2.29
N LEU A 374 14.56 -19.12 2.94
CA LEU A 374 15.37 -18.14 2.26
C LEU A 374 16.54 -18.85 1.56
N ALA A 375 16.93 -18.38 0.39
CA ALA A 375 17.96 -19.03 -0.41
C ALA A 375 19.26 -18.30 -0.25
N VAL A 376 19.27 -17.19 0.49
CA VAL A 376 20.52 -16.49 0.83
C VAL A 376 20.43 -16.16 2.31
N PRO A 377 21.54 -15.81 2.98
CA PRO A 377 21.41 -15.33 4.36
C PRO A 377 20.51 -14.10 4.52
N ALA A 378 19.84 -13.98 5.66
CA ALA A 378 18.92 -12.85 5.91
C ALA A 378 19.60 -11.49 5.80
N GLU A 379 20.84 -11.42 6.28
CA GLU A 379 21.64 -10.21 6.21
C GLU A 379 21.82 -9.69 4.80
N GLU A 380 21.71 -10.56 3.79
CA GLU A 380 21.91 -10.18 2.38
C GLU A 380 20.68 -9.59 1.74
N ILE A 381 19.52 -9.73 2.40
CA ILE A 381 18.28 -9.30 1.72
C ILE A 381 18.32 -7.77 1.69
N LYS A 382 18.09 -7.16 0.52
CA LYS A 382 18.10 -5.73 0.39
C LYS A 382 16.71 -5.12 0.63
N LEU A 383 16.68 -4.02 1.36
CA LEU A 383 15.42 -3.42 1.80
C LEU A 383 15.13 -2.13 1.06
N ARG A 384 13.83 -1.86 0.86
CA ARG A 384 13.32 -0.62 0.20
C ARG A 384 13.17 0.53 1.16
N GLU A 385 14.28 0.99 1.70
CA GLU A 385 14.24 1.91 2.82
C GLU A 385 13.78 3.33 2.58
N LYS A 386 13.86 3.82 1.36
CA LYS A 386 13.41 5.15 0.99
C LYS A 386 12.19 5.10 0.08
N SER A 387 11.59 3.94 -0.13
CA SER A 387 10.45 3.84 -1.02
C SER A 387 9.15 4.09 -0.25
N ALA A 388 8.14 4.62 -0.94
CA ALA A 388 6.84 4.89 -0.31
C ALA A 388 6.23 3.60 0.32
N ALA A 389 6.34 2.48 -0.37
CA ALA A 389 5.93 1.17 0.14
C ALA A 389 7.22 0.48 0.52
N TYR A 390 7.41 0.22 1.81
CA TYR A 390 8.58 -0.54 2.32
C TYR A 390 8.45 -1.97 1.84
N GLY A 391 9.57 -2.67 1.73
CA GLY A 391 9.56 -4.12 1.40
C GLY A 391 10.97 -4.62 1.05
N VAL A 392 11.08 -5.71 0.31
CA VAL A 392 12.37 -6.24 -0.12
C VAL A 392 12.49 -6.02 -1.65
N TRP A 393 13.69 -5.64 -2.09
CA TRP A 393 14.04 -5.59 -3.54
C TRP A 393 14.09 -6.93 -4.20
N ALA A 394 14.40 -7.97 -3.46
CA ALA A 394 14.47 -9.32 -3.98
C ALA A 394 14.39 -10.24 -2.76
N LEU A 395 13.81 -11.39 -2.98
CA LEU A 395 13.65 -12.41 -1.95
C LEU A 395 14.01 -13.81 -2.55
N PRO A 396 15.28 -14.14 -2.66
CA PRO A 396 15.55 -15.51 -3.14
C PRO A 396 15.04 -16.59 -2.16
N VAL A 397 14.24 -17.53 -2.60
CA VAL A 397 13.76 -18.57 -1.77
C VAL A 397 14.09 -19.94 -2.42
N ALA A 398 14.11 -20.98 -1.61
CA ALA A 398 14.16 -22.36 -2.06
C ALA A 398 13.19 -23.21 -1.27
N TRP A 399 13.11 -24.46 -1.67
CA TRP A 399 12.30 -25.44 -1.06
C TRP A 399 12.92 -26.78 -1.44
N ASP A 400 12.42 -27.83 -0.79
CA ASP A 400 12.91 -29.17 -1.04
C ASP A 400 12.19 -29.73 -2.24
CHA HEM B . -5.73 4.76 0.30
CHB HEM B . -6.73 1.70 -3.31
CHC HEM B . -4.11 -1.70 -1.15
CHD HEM B . -2.78 1.44 2.29
C1A HEM B . -6.19 4.24 -0.89
C2A HEM B . -6.99 4.98 -1.84
C3A HEM B . -7.27 4.16 -2.84
C4A HEM B . -6.64 2.85 -2.55
CMA HEM B . -8.09 4.52 -4.12
CAA HEM B . -7.37 6.46 -1.68
CBA HEM B . -8.80 6.47 -1.06
CGA HEM B . -9.37 7.88 -0.95
O1A HEM B . -8.63 8.91 -1.07
O2A HEM B . -10.60 7.99 -0.67
C1B HEM B . -6.11 0.50 -3.02
C2B HEM B . -6.28 -0.74 -3.78
C3B HEM B . -5.59 -1.66 -3.12
C4B HEM B . -4.97 -1.05 -1.96
CMB HEM B . -7.11 -1.01 -5.07
CAB HEM B . -5.30 -3.11 -3.49
CBB HEM B . -6.21 -3.81 -4.12
C1C HEM B . -3.48 -1.13 -0.07
C2C HEM B . -2.54 -1.80 0.80
C3C HEM B . -2.25 -0.92 1.75
C4C HEM B . -2.89 0.33 1.50
CMC HEM B . -2.02 -3.29 0.79
CAC HEM B . -1.32 -1.07 2.89
CBC HEM B . -1.00 -2.23 3.44
C1D HEM B . -3.44 2.66 2.05
C2D HEM B . -3.36 3.79 2.94
C3D HEM B . -4.22 4.82 2.31
C4D HEM B . -4.82 4.16 1.15
CMD HEM B . -2.47 3.96 4.17
CAD HEM B . -4.45 6.23 2.93
CBD HEM B . -3.46 7.24 2.30
CGD HEM B . -3.70 8.62 2.85
O1D HEM B . -3.03 9.55 2.42
O2D HEM B . -4.62 8.84 3.73
NA HEM B . -6.03 2.94 -1.34
NB HEM B . -5.37 0.26 -1.88
NC HEM B . -3.71 0.16 0.41
ND HEM B . -4.36 2.86 1.04
FE HEM B . -4.93 1.50 -0.37
#